data_4JJH
#
_entry.id   4JJH
#
_cell.length_a   35.193
_cell.length_b   35.193
_cell.length_c   205.331
_cell.angle_alpha   90.000
_cell.angle_beta   90.000
_cell.angle_gamma   90.000
#
_symmetry.space_group_name_H-M   'P 41'
#
loop_
_entity.id
_entity.type
_entity.pdbx_description
1 polymer 'Poliovirus receptor-related protein 4'
2 non-polymer 1,2-ETHANEDIOL
3 water water
#
_entity_poly.entity_id   1
_entity_poly.type   'polypeptide(L)'
_entity_poly.pdbx_seq_one_letter_code
;QDYGGGELETSDVVTVVLGQDAKLPCFYRGDSGEQVGQVAWARVDAGEGAQELALLHSKYGLHVSPAYEGRVEQPPPPRN
PLDGSVLLRNAVQADEGEYECRVSTFPAGSFQARLRLRVLVPPLPSLAENLYF
;
_entity_poly.pdbx_strand_id   A,B
#
# COMPACT_ATOMS: atom_id res chain seq x y z
N THR A 10 4.89 14.96 3.09
CA THR A 10 3.64 14.50 3.69
C THR A 10 2.45 15.33 3.20
N SER A 11 1.41 14.65 2.76
CA SER A 11 0.17 15.30 2.34
C SER A 11 -0.93 15.23 3.42
N ASP A 12 -1.67 16.32 3.59
CA ASP A 12 -2.66 16.44 4.68
C ASP A 12 -3.94 15.61 4.44
N VAL A 13 -4.13 15.06 3.24
CA VAL A 13 -5.28 14.18 2.98
C VAL A 13 -4.87 12.79 2.53
N VAL A 14 -5.44 11.78 3.18
CA VAL A 14 -5.16 10.40 2.84
C VAL A 14 -6.40 9.73 2.29
N THR A 15 -6.26 9.17 1.12
CA THR A 15 -7.38 8.54 0.48
C THR A 15 -6.98 7.09 0.24
N VAL A 16 -7.85 6.18 0.60
CA VAL A 16 -7.58 4.78 0.39
C VAL A 16 -8.83 4.11 -0.09
N VAL A 17 -8.64 2.96 -0.73
CA VAL A 17 -9.72 2.07 -1.08
C VAL A 17 -10.15 1.31 0.18
N LEU A 18 -11.45 1.11 0.30
CA LEU A 18 -12.05 0.33 1.38
C LEU A 18 -11.40 -1.06 1.59
N GLY A 19 -10.88 -1.30 2.79
CA GLY A 19 -10.28 -2.59 3.11
C GLY A 19 -8.77 -2.67 3.00
N GLN A 20 -8.16 -1.74 2.29
CA GLN A 20 -6.72 -1.66 2.23
C GLN A 20 -6.30 -0.89 3.49
N ASP A 21 -5.01 -0.89 3.81
CA ASP A 21 -4.49 -0.16 4.97
C ASP A 21 -4.08 1.28 4.69
N ALA A 22 -4.48 2.19 5.56
CA ALA A 22 -4.18 3.61 5.36
C ALA A 22 -3.11 4.06 6.33
N LYS A 23 -2.08 4.69 5.81
CA LYS A 23 -1.06 5.26 6.66
C LYS A 23 -1.48 6.65 7.08
N LEU A 24 -1.37 6.92 8.37
CA LEU A 24 -1.61 8.23 8.87
C LEU A 24 -0.26 8.79 9.25
N PRO A 25 0.34 9.60 8.36
CA PRO A 25 1.69 10.15 8.56
C PRO A 25 1.74 11.30 9.57
N CYS A 26 2.70 11.25 10.50
CA CYS A 26 2.85 12.34 11.45
C CYS A 26 4.29 12.46 11.93
N PHE A 27 5.12 13.07 11.09
CA PHE A 27 6.55 13.21 11.37
C PHE A 27 6.94 14.70 11.59
N TYR A 28 7.83 14.96 12.55
CA TYR A 28 8.15 16.31 13.05
C TYR A 28 9.53 16.82 12.69
N ARG A 29 9.58 18.05 12.19
CA ARG A 29 10.82 18.74 11.88
C ARG A 29 11.23 19.66 13.02
N GLY A 30 12.51 19.66 13.37
CA GLY A 30 12.97 20.45 14.50
C GLY A 30 14.32 21.16 14.45
N ASP A 31 14.86 21.45 15.62
CA ASP A 31 16.17 22.08 15.74
C ASP A 31 17.10 21.11 16.43
N GLU A 34 15.44 19.33 21.23
CA GLU A 34 14.12 18.76 21.46
C GLU A 34 13.90 17.45 20.70
N GLN A 35 13.42 16.45 21.42
CA GLN A 35 13.08 15.16 20.85
C GLN A 35 11.62 14.87 21.24
N VAL A 36 11.03 13.85 20.64
CA VAL A 36 9.62 13.50 20.82
C VAL A 36 9.42 12.72 22.09
N GLY A 37 8.32 12.99 22.79
CA GLY A 37 7.93 12.20 23.94
C GLY A 37 6.84 11.22 23.54
N GLN A 38 5.59 11.61 23.72
CA GLN A 38 4.47 10.76 23.29
C GLN A 38 3.73 11.36 22.09
N VAL A 39 3.33 10.50 21.17
CA VAL A 39 2.43 10.94 20.11
C VAL A 39 1.10 10.24 20.31
N ALA A 40 0.08 11.01 20.62
CA ALA A 40 -1.25 10.48 20.76
C ALA A 40 -1.94 10.58 19.42
N TRP A 41 -2.82 9.63 19.17
CA TRP A 41 -3.59 9.58 17.96
C TRP A 41 -5.04 9.47 18.33
N ALA A 42 -5.85 10.28 17.65
CA ALA A 42 -7.28 10.30 17.88
C ALA A 42 -8.05 10.70 16.63
N ARG A 43 -9.36 10.45 16.66
CA ARG A 43 -10.26 11.02 15.71
C ARG A 43 -10.66 12.40 16.23
N VAL A 44 -10.89 13.35 15.35
CA VAL A 44 -11.37 14.65 15.79
C VAL A 44 -12.88 14.68 15.86
N ALA A 50 -11.62 13.34 20.10
CA ALA A 50 -12.49 13.27 21.27
C ALA A 50 -12.43 11.88 21.89
N GLN A 51 -11.90 10.92 21.14
CA GLN A 51 -11.87 9.52 21.60
C GLN A 51 -10.55 8.88 21.15
N GLU A 52 -9.89 8.24 22.09
CA GLU A 52 -8.52 7.83 21.91
C GLU A 52 -8.37 6.71 20.90
N LEU A 53 -7.32 6.83 20.10
CA LEU A 53 -7.02 5.84 19.09
C LEU A 53 -5.71 5.07 19.44
N ALA A 54 -4.63 5.80 19.65
CA ALA A 54 -3.37 5.12 19.98
C ALA A 54 -2.39 6.06 20.64
N LEU A 55 -1.28 5.50 21.09
CA LEU A 55 -0.22 6.19 21.80
C LEU A 55 1.11 5.58 21.45
N LEU A 56 1.98 6.39 20.90
CA LEU A 56 3.32 5.96 20.58
C LEU A 56 4.19 6.58 21.67
N HIS A 57 4.60 5.77 22.64
CA HIS A 57 5.33 6.29 23.79
C HIS A 57 6.83 6.16 23.62
N SER A 58 7.51 7.21 24.06
CA SER A 58 8.94 7.33 23.94
C SER A 58 9.65 6.28 24.76
N LYS A 59 9.22 6.20 26.00
CA LYS A 59 9.73 5.22 26.91
C LYS A 59 9.05 3.89 26.62
N TYR A 60 7.74 3.96 26.39
CA TYR A 60 6.86 2.80 26.52
C TYR A 60 6.32 2.18 25.24
N GLY A 61 6.62 2.76 24.09
CA GLY A 61 6.18 2.15 22.84
C GLY A 61 4.69 2.23 22.60
N LEU A 62 4.20 1.40 21.69
CA LEU A 62 2.83 1.51 21.21
C LEU A 62 1.74 0.94 22.11
N HIS A 63 0.70 1.75 22.28
CA HIS A 63 -0.52 1.44 23.00
C HIS A 63 -1.66 1.75 22.08
N VAL A 64 -2.69 0.92 22.06
CA VAL A 64 -3.77 1.09 21.09
C VAL A 64 -5.14 0.97 21.75
N SER A 65 -6.10 1.75 21.27
CA SER A 65 -7.45 1.64 21.78
C SER A 65 -7.93 0.23 21.44
N PRO A 66 -8.50 -0.46 22.44
CA PRO A 66 -9.11 -1.78 22.29
C PRO A 66 -10.10 -1.81 21.13
N ALA A 67 -10.83 -0.71 20.93
CA ALA A 67 -11.75 -0.55 19.80
C ALA A 67 -11.02 -0.59 18.46
N TYR A 68 -9.71 -0.52 18.52
CA TYR A 68 -8.90 -0.45 17.33
C TYR A 68 -7.85 -1.55 17.41
N GLU A 69 -8.21 -2.62 18.10
CA GLU A 69 -7.29 -3.73 18.36
C GLU A 69 -6.85 -4.48 17.12
N GLY A 70 -5.54 -4.56 16.93
CA GLY A 70 -4.98 -5.27 15.80
C GLY A 70 -5.01 -4.41 14.56
N ARG A 71 -5.57 -3.22 14.71
CA ARG A 71 -5.79 -2.33 13.57
C ARG A 71 -4.74 -1.23 13.52
N VAL A 72 -3.88 -1.14 14.54
CA VAL A 72 -2.90 -0.08 14.54
C VAL A 72 -1.48 -0.61 14.50
N GLU A 73 -0.74 -0.18 13.48
CA GLU A 73 0.62 -0.62 13.33
C GLU A 73 1.54 0.59 13.19
N GLN A 74 2.81 0.46 13.55
CA GLN A 74 3.82 1.49 13.28
C GLN A 74 4.61 1.18 12.01
N PRO A 75 5.45 2.12 11.53
CA PRO A 75 6.31 1.70 10.41
C PRO A 75 7.47 0.78 10.83
N PRO A 76 7.84 -0.19 9.96
CA PRO A 76 8.90 -1.18 10.16
C PRO A 76 10.28 -0.62 10.49
N PRO A 77 10.95 -1.24 11.48
CA PRO A 77 12.24 -0.85 12.06
C PRO A 77 13.45 -1.29 11.23
N PRO A 78 14.60 -0.62 11.43
CA PRO A 78 14.91 0.46 12.38
C PRO A 78 14.18 1.76 12.06
N ARG A 79 13.64 2.41 13.08
CA ARG A 79 12.84 3.58 12.82
C ARG A 79 13.17 4.85 13.61
N ASN A 80 12.56 5.94 13.16
CA ASN A 80 12.77 7.28 13.65
C ASN A 80 12.11 7.56 15.00
N PRO A 81 12.87 8.15 15.94
CA PRO A 81 12.39 8.64 17.25
C PRO A 81 11.37 9.77 17.13
N LEU A 82 11.25 10.35 15.94
CA LEU A 82 10.38 11.49 15.72
C LEU A 82 9.29 11.25 14.68
N ASP A 83 9.23 10.04 14.13
CA ASP A 83 8.11 9.69 13.27
C ASP A 83 6.97 9.11 14.09
N GLY A 84 5.87 9.85 14.19
CA GLY A 84 4.71 9.39 14.91
C GLY A 84 3.60 8.85 14.03
N SER A 85 3.98 8.38 12.86
CA SER A 85 3.02 7.93 11.87
C SER A 85 2.48 6.58 12.22
N VAL A 86 1.21 6.37 11.95
CA VAL A 86 0.64 5.07 12.15
C VAL A 86 -0.07 4.56 10.92
N LEU A 87 -0.27 3.26 10.91
CA LEU A 87 -1.05 2.55 9.91
C LEU A 87 -2.31 2.03 10.52
N LEU A 88 -3.43 2.44 9.95
CA LEU A 88 -4.73 1.91 10.29
C LEU A 88 -5.07 0.84 9.26
N ARG A 89 -5.09 -0.42 9.70
CA ARG A 89 -5.30 -1.54 8.82
C ARG A 89 -6.76 -1.74 8.42
N ASN A 90 -6.97 -2.21 7.19
CA ASN A 90 -8.27 -2.66 6.75
C ASN A 90 -9.31 -1.57 6.97
N ALA A 91 -9.24 -0.56 6.13
CA ALA A 91 -10.11 0.60 6.19
C ALA A 91 -11.58 0.27 5.89
N VAL A 92 -12.50 0.82 6.67
CA VAL A 92 -13.94 0.73 6.41
C VAL A 92 -14.56 2.11 6.26
N GLN A 93 -15.82 2.15 5.87
CA GLN A 93 -16.48 3.43 5.71
C GLN A 93 -16.58 4.17 7.04
N ALA A 94 -16.87 3.43 8.11
CA ALA A 94 -16.98 4.00 9.45
C ALA A 94 -15.73 4.75 9.88
N ASP A 95 -14.61 4.41 9.26
CA ASP A 95 -13.32 5.03 9.58
C ASP A 95 -13.09 6.46 9.05
N GLU A 96 -13.75 6.83 7.97
CA GLU A 96 -13.46 8.11 7.35
C GLU A 96 -13.85 9.30 8.20
N GLY A 97 -13.05 10.35 8.06
CA GLY A 97 -13.19 11.55 8.84
C GLY A 97 -11.80 12.08 9.05
N GLU A 98 -11.67 13.01 9.99
CA GLU A 98 -10.40 13.69 10.24
C GLU A 98 -9.80 13.22 11.54
N TYR A 99 -8.48 13.30 11.58
CA TYR A 99 -7.70 12.68 12.61
C TYR A 99 -6.60 13.60 13.08
N GLU A 100 -6.40 13.58 14.37
CA GLU A 100 -5.38 14.41 14.94
C GLU A 100 -4.36 13.60 15.69
N CYS A 101 -3.10 13.95 15.45
CA CYS A 101 -2.02 13.48 16.27
C CYS A 101 -1.58 14.64 17.17
N ARG A 102 -1.43 14.33 18.45
CA ARG A 102 -0.95 15.30 19.40
C ARG A 102 0.42 14.85 19.82
N VAL A 103 1.38 15.69 19.54
CA VAL A 103 2.76 15.41 19.80
C VAL A 103 3.21 16.28 20.94
N SER A 104 3.37 15.63 22.08
CA SER A 104 4.02 16.23 23.23
C SER A 104 5.48 16.36 22.88
N THR A 105 5.96 17.59 22.83
CA THR A 105 7.37 17.81 22.51
C THR A 105 8.09 18.49 23.65
N PHE A 106 9.41 18.46 23.59
CA PHE A 106 10.26 19.29 24.40
C PHE A 106 10.31 20.67 23.76
N PRO A 107 10.41 21.73 24.57
CA PRO A 107 10.38 21.79 26.03
C PRO A 107 8.97 21.93 26.58
N ALA A 108 8.12 22.59 25.80
CA ALA A 108 6.74 22.86 26.18
C ALA A 108 5.92 22.76 24.92
N GLY A 109 6.62 22.52 23.82
CA GLY A 109 5.99 22.45 22.54
C GLY A 109 4.91 21.40 22.45
N SER A 110 3.85 21.78 21.77
CA SER A 110 2.77 20.88 21.44
C SER A 110 2.62 21.07 19.96
N PHE A 111 2.52 19.96 19.23
CA PHE A 111 2.16 20.04 17.83
C PHE A 111 0.98 19.12 17.60
N GLN A 112 -0.08 19.65 17.01
CA GLN A 112 -1.21 18.83 16.60
C GLN A 112 -1.23 18.81 15.10
N ALA A 113 -1.21 17.63 14.49
CA ALA A 113 -1.34 17.55 13.04
C ALA A 113 -2.64 16.86 12.72
N ARG A 114 -3.46 17.56 11.97
CA ARG A 114 -4.72 17.03 11.54
C ARG A 114 -4.65 16.63 10.07
N LEU A 115 -5.32 15.55 9.73
CA LEU A 115 -5.34 15.12 8.35
C LEU A 115 -6.72 14.54 8.11
N ARG A 116 -7.14 14.46 6.85
CA ARG A 116 -8.47 13.99 6.54
C ARG A 116 -8.32 12.60 5.94
N LEU A 117 -9.17 11.66 6.34
CA LEU A 117 -9.12 10.30 5.82
C LEU A 117 -10.35 10.00 4.96
N ARG A 118 -10.08 9.58 3.73
CA ARG A 118 -11.07 9.35 2.71
C ARG A 118 -11.11 7.88 2.35
N VAL A 119 -12.27 7.25 2.45
CA VAL A 119 -12.35 5.84 2.09
C VAL A 119 -13.30 5.69 0.89
N LEU A 120 -12.71 5.24 -0.22
CA LEU A 120 -13.38 5.10 -1.52
C LEU A 120 -13.95 3.71 -1.75
N VAL A 121 -15.18 3.69 -2.23
CA VAL A 121 -15.87 2.47 -2.62
C VAL A 121 -15.79 2.33 -4.15
N PRO A 122 -15.40 1.13 -4.64
CA PRO A 122 -15.34 0.90 -6.08
C PRO A 122 -16.73 0.86 -6.67
N PRO A 123 -16.83 1.28 -7.93
CA PRO A 123 -18.02 1.22 -8.78
C PRO A 123 -18.34 -0.20 -9.18
N LEU A 124 -19.57 -0.41 -9.65
CA LEU A 124 -20.01 -1.67 -10.21
C LEU A 124 -19.07 -2.13 -11.33
N PRO A 125 -18.87 -3.44 -11.46
CA PRO A 125 -18.07 -3.96 -12.58
C PRO A 125 -18.75 -3.67 -13.91
N SER A 126 -17.93 -3.51 -14.95
CA SER A 126 -18.39 -3.69 -16.31
C SER A 126 -18.45 -5.19 -16.54
N LEU A 127 -17.42 -5.87 -16.05
CA LEU A 127 -17.24 -7.31 -16.17
C LEU A 127 -16.89 -7.93 -14.83
N THR B 10 -2.22 -14.80 -7.56
CA THR B 10 -2.93 -13.80 -8.36
C THR B 10 -4.37 -13.56 -7.93
N SER B 11 -4.70 -12.29 -7.73
CA SER B 11 -6.05 -11.85 -7.44
C SER B 11 -6.61 -11.33 -8.75
N ASP B 12 -7.87 -11.68 -9.03
CA ASP B 12 -8.42 -11.39 -10.36
C ASP B 12 -8.82 -9.94 -10.60
N VAL B 13 -9.10 -9.18 -9.54
CA VAL B 13 -9.29 -7.72 -9.68
C VAL B 13 -8.47 -6.95 -8.66
N VAL B 14 -7.70 -6.00 -9.14
CA VAL B 14 -6.88 -5.17 -8.29
C VAL B 14 -7.48 -3.76 -8.33
N THR B 15 -7.73 -3.21 -7.16
CA THR B 15 -8.32 -1.89 -7.07
C THR B 15 -7.40 -0.95 -6.32
N VAL B 16 -7.19 0.22 -6.90
CA VAL B 16 -6.24 1.17 -6.34
C VAL B 16 -6.78 2.59 -6.40
N VAL B 17 -6.27 3.46 -5.53
CA VAL B 17 -6.54 4.88 -5.64
C VAL B 17 -5.61 5.51 -6.66
N LEU B 18 -6.13 6.46 -7.43
CA LEU B 18 -5.37 7.25 -8.39
C LEU B 18 -4.07 7.85 -7.81
N GLY B 19 -2.92 7.52 -8.39
CA GLY B 19 -1.67 8.03 -7.89
C GLY B 19 -0.93 7.03 -7.03
N GLN B 20 -1.62 5.98 -6.63
CA GLN B 20 -1.01 4.89 -5.85
C GLN B 20 -0.20 3.83 -6.61
N ASP B 21 0.49 2.99 -5.85
CA ASP B 21 1.16 1.83 -6.40
C ASP B 21 0.21 0.64 -6.34
N ALA B 22 0.17 -0.15 -7.40
CA ALA B 22 -0.70 -1.33 -7.43
C ALA B 22 0.09 -2.63 -7.39
N LYS B 23 -0.29 -3.51 -6.49
CA LYS B 23 0.30 -4.84 -6.49
C LYS B 23 -0.46 -5.69 -7.50
N LEU B 24 0.26 -6.25 -8.45
CA LEU B 24 -0.33 -7.12 -9.45
C LEU B 24 0.14 -8.54 -9.20
N PRO B 25 -0.72 -9.31 -8.53
CA PRO B 25 -0.42 -10.62 -7.99
C PRO B 25 -0.29 -11.70 -9.05
N CYS B 26 0.73 -12.53 -8.89
CA CYS B 26 0.96 -13.66 -9.77
C CYS B 26 1.62 -14.79 -9.01
N PHE B 27 0.80 -15.60 -8.38
CA PHE B 27 1.28 -16.73 -7.61
C PHE B 27 1.04 -18.04 -8.36
N TYR B 28 2.03 -18.92 -8.38
CA TYR B 28 1.95 -20.13 -9.19
C TYR B 28 1.77 -21.36 -8.35
N ARG B 29 0.73 -22.12 -8.65
CA ARG B 29 0.45 -23.33 -7.91
C ARG B 29 0.91 -24.58 -8.65
N ASP B 31 2.76 -27.67 -7.34
CA ASP B 31 2.67 -29.11 -7.16
C ASP B 31 3.99 -29.80 -7.46
N SER B 32 4.78 -30.00 -6.41
CA SER B 32 5.98 -30.84 -6.46
C SER B 32 7.13 -30.25 -7.28
N GLY B 33 7.37 -30.82 -8.45
CA GLY B 33 8.64 -30.65 -9.14
C GLY B 33 8.74 -29.51 -10.10
N GLU B 34 7.64 -28.78 -10.28
CA GLU B 34 7.61 -27.66 -11.20
C GLU B 34 8.43 -26.49 -10.68
N GLN B 35 9.26 -25.92 -11.54
CA GLN B 35 9.98 -24.75 -11.13
C GLN B 35 9.66 -23.65 -12.11
N VAL B 36 9.56 -22.43 -11.62
CA VAL B 36 9.19 -21.33 -12.48
C VAL B 36 10.46 -20.78 -13.07
N GLY B 37 10.40 -20.54 -14.36
CA GLY B 37 11.48 -19.95 -15.10
C GLY B 37 11.25 -18.47 -15.31
N GLN B 38 10.48 -18.17 -16.35
CA GLN B 38 10.13 -16.80 -16.69
C GLN B 38 8.67 -16.47 -16.38
N VAL B 39 8.46 -15.27 -15.84
CA VAL B 39 7.12 -14.71 -15.68
C VAL B 39 6.99 -13.43 -16.48
N ALA B 40 6.24 -13.46 -17.58
CA ALA B 40 6.05 -12.25 -18.35
C ALA B 40 4.75 -11.54 -17.97
N TRP B 41 4.75 -10.23 -18.11
CA TRP B 41 3.61 -9.40 -17.79
C TRP B 41 3.27 -8.47 -18.97
N ALA B 42 1.99 -8.35 -19.34
CA ALA B 42 1.56 -7.43 -20.42
C ALA B 42 0.12 -6.88 -20.38
N ARG B 43 -0.11 -5.78 -21.12
CA ARG B 43 -1.47 -5.29 -21.40
C ARG B 43 -2.08 -5.80 -22.72
N VAL B 44 -3.39 -5.99 -22.72
CA VAL B 44 -4.14 -6.50 -23.88
C VAL B 44 -4.52 -5.44 -24.91
N ALA B 50 -2.44 -4.37 -27.17
CA ALA B 50 -1.44 -5.41 -26.94
C ALA B 50 -0.04 -4.83 -26.67
N GLN B 51 0.36 -4.81 -25.41
CA GLN B 51 1.61 -4.18 -25.02
C GLN B 51 2.34 -4.85 -23.88
N GLU B 52 3.62 -5.16 -24.09
CA GLU B 52 4.38 -5.93 -23.13
C GLU B 52 4.84 -5.00 -22.02
N LEU B 53 4.80 -5.48 -20.78
CA LEU B 53 5.18 -4.65 -19.64
C LEU B 53 6.50 -5.04 -18.98
N ALA B 54 6.64 -6.33 -18.66
CA ALA B 54 7.85 -6.76 -17.99
C ALA B 54 8.10 -8.24 -18.09
N LEU B 55 9.26 -8.65 -17.61
CA LEU B 55 9.71 -10.03 -17.64
C LEU B 55 10.55 -10.33 -16.41
N LEU B 56 10.11 -11.30 -15.65
CA LEU B 56 10.84 -11.75 -14.48
C LEU B 56 11.53 -12.99 -14.96
N HIS B 57 12.80 -12.87 -15.33
CA HIS B 57 13.55 -13.95 -15.95
C HIS B 57 14.33 -14.70 -14.88
N SER B 58 14.41 -16.01 -15.05
CA SER B 58 15.05 -16.84 -14.05
C SER B 58 16.54 -16.56 -13.94
N LYS B 59 17.25 -16.56 -15.07
CA LYS B 59 18.68 -16.25 -15.06
C LYS B 59 18.90 -14.76 -15.00
N TYR B 60 18.09 -14.01 -15.72
CA TYR B 60 18.45 -12.67 -16.10
C TYR B 60 17.74 -11.58 -15.32
N GLY B 61 16.82 -11.99 -14.46
CA GLY B 61 16.13 -11.03 -13.60
C GLY B 61 15.09 -10.18 -14.29
N LEU B 62 14.73 -9.09 -13.64
CA LEU B 62 13.66 -8.24 -14.09
C LEU B 62 14.07 -7.36 -15.23
N HIS B 63 13.25 -7.37 -16.27
CA HIS B 63 13.40 -6.54 -17.44
C HIS B 63 12.08 -5.85 -17.58
N VAL B 64 12.12 -4.59 -17.97
CA VAL B 64 10.93 -3.74 -17.97
C VAL B 64 10.79 -3.01 -19.32
N SER B 65 9.54 -2.85 -19.75
CA SER B 65 9.22 -2.12 -20.97
C SER B 65 9.65 -0.67 -20.86
N PRO B 66 10.21 -0.12 -21.95
CA PRO B 66 10.57 1.29 -22.11
C PRO B 66 9.45 2.26 -21.75
N ALA B 67 8.22 1.91 -22.13
CA ALA B 67 7.04 2.72 -21.81
C ALA B 67 6.74 2.85 -20.32
N TYR B 68 7.42 2.06 -19.52
CA TYR B 68 7.12 1.97 -18.09
C TYR B 68 8.30 2.18 -17.15
N GLU B 69 9.25 3.05 -17.51
CA GLU B 69 10.46 3.23 -16.74
C GLU B 69 10.25 3.78 -15.32
N GLY B 70 10.81 3.08 -14.35
CA GLY B 70 10.71 3.49 -12.97
C GLY B 70 9.42 3.08 -12.28
N ARG B 71 8.48 2.50 -13.01
CA ARG B 71 7.19 2.22 -12.39
C ARG B 71 6.93 0.78 -11.95
N VAL B 72 7.83 -0.15 -12.30
CA VAL B 72 7.64 -1.56 -11.98
C VAL B 72 8.74 -2.17 -11.11
N GLU B 73 8.34 -2.72 -9.97
CA GLU B 73 9.25 -3.39 -9.04
C GLU B 73 8.76 -4.78 -8.73
N GLN B 74 9.63 -5.61 -8.19
CA GLN B 74 9.20 -6.89 -7.65
C GLN B 74 8.86 -6.70 -6.16
N PRO B 75 8.22 -7.69 -5.51
CA PRO B 75 7.95 -7.57 -4.07
C PRO B 75 9.17 -7.77 -3.19
N PRO B 76 9.22 -7.10 -2.01
CA PRO B 76 10.40 -7.21 -1.14
C PRO B 76 10.74 -8.65 -0.80
N PRO B 77 12.02 -8.98 -0.86
CA PRO B 77 12.52 -10.34 -0.66
C PRO B 77 12.59 -10.63 0.82
N PRO B 78 12.58 -11.89 1.21
CA PRO B 78 12.50 -13.09 0.38
C PRO B 78 11.11 -13.27 -0.22
N ARG B 79 11.02 -13.62 -1.50
CA ARG B 79 9.70 -13.88 -2.04
C ARG B 79 9.71 -15.21 -2.78
N ASN B 80 8.52 -15.69 -3.10
CA ASN B 80 8.39 -17.02 -3.67
C ASN B 80 8.83 -17.10 -5.13
N PRO B 81 9.60 -18.14 -5.48
CA PRO B 81 9.97 -18.33 -6.88
C PRO B 81 8.75 -18.54 -7.74
N LEU B 82 7.60 -18.77 -7.13
CA LEU B 82 6.37 -19.05 -7.85
C LEU B 82 5.43 -17.87 -7.67
N ASP B 83 5.94 -16.83 -7.01
CA ASP B 83 5.28 -15.53 -6.97
C ASP B 83 5.82 -14.65 -8.10
N GLY B 84 5.03 -14.45 -9.14
CA GLY B 84 5.46 -13.64 -10.26
C GLY B 84 4.85 -12.25 -10.24
N SER B 85 4.54 -11.80 -9.04
CA SER B 85 3.86 -10.54 -8.82
C SER B 85 4.78 -9.31 -8.93
N VAL B 86 4.24 -8.22 -9.44
CA VAL B 86 4.97 -6.96 -9.49
C VAL B 86 4.21 -5.84 -8.80
N LEU B 87 4.91 -4.73 -8.64
CA LEU B 87 4.38 -3.48 -8.17
C LEU B 87 4.39 -2.51 -9.34
N LEU B 88 3.25 -1.94 -9.65
CA LEU B 88 3.17 -0.85 -10.61
C LEU B 88 3.09 0.48 -9.83
N ARG B 89 4.11 1.32 -9.90
CA ARG B 89 4.14 2.56 -9.14
C ARG B 89 3.23 3.64 -9.77
N ASN B 90 2.65 4.48 -8.92
CA ASN B 90 1.93 5.68 -9.37
C ASN B 90 0.75 5.44 -10.32
N ALA B 91 -0.37 4.95 -9.78
CA ALA B 91 -1.53 4.60 -10.60
C ALA B 91 -2.18 5.80 -11.26
N VAL B 92 -2.38 5.72 -12.57
CA VAL B 92 -3.14 6.73 -13.33
C VAL B 92 -4.33 6.05 -14.01
N GLN B 93 -5.22 6.86 -14.59
CA GLN B 93 -6.44 6.36 -15.22
C GLN B 93 -6.15 5.39 -16.36
N ALA B 94 -5.12 5.72 -17.15
CA ALA B 94 -4.66 4.94 -18.30
C ALA B 94 -4.26 3.52 -17.99
N ASP B 95 -3.88 3.28 -16.75
CA ASP B 95 -3.46 1.96 -16.32
C ASP B 95 -4.62 1.03 -16.17
N GLU B 96 -5.79 1.61 -15.93
CA GLU B 96 -6.98 0.86 -15.62
C GLU B 96 -7.26 0.04 -16.86
N GLY B 97 -7.60 -1.22 -16.66
CA GLY B 97 -7.71 -2.15 -17.77
C GLY B 97 -7.31 -3.56 -17.38
N GLU B 98 -7.01 -4.37 -18.36
CA GLU B 98 -6.72 -5.78 -18.14
C GLU B 98 -5.25 -6.10 -18.32
N TYR B 99 -4.78 -7.07 -17.56
CA TYR B 99 -3.36 -7.39 -17.44
C TYR B 99 -3.17 -8.89 -17.38
N GLU B 100 -2.15 -9.38 -18.07
CA GLU B 100 -1.92 -10.80 -17.99
C GLU B 100 -0.47 -11.16 -17.62
N CYS B 101 -0.37 -12.11 -16.70
CA CYS B 101 0.86 -12.76 -16.30
C CYS B 101 0.96 -14.18 -16.87
N ARG B 102 2.09 -14.49 -17.51
CA ARG B 102 2.33 -15.82 -18.05
C ARG B 102 3.56 -16.47 -17.38
N VAL B 103 3.32 -17.64 -16.83
CA VAL B 103 4.32 -18.37 -16.09
C VAL B 103 4.79 -19.60 -16.85
N SER B 104 5.97 -19.49 -17.44
CA SER B 104 6.73 -20.62 -17.95
C SER B 104 7.32 -21.39 -16.79
N THR B 105 7.01 -22.67 -16.68
CA THR B 105 7.58 -23.45 -15.59
C THR B 105 8.41 -24.61 -16.11
N PHE B 106 9.24 -25.18 -15.23
CA PHE B 106 9.88 -26.44 -15.51
C PHE B 106 8.85 -27.50 -15.26
N PRO B 107 8.84 -28.55 -16.07
CA PRO B 107 9.58 -28.80 -17.32
C PRO B 107 8.83 -28.28 -18.54
N ALA B 108 7.52 -28.25 -18.44
CA ALA B 108 6.67 -27.87 -19.55
C ALA B 108 5.44 -27.12 -19.08
N GLY B 109 5.28 -27.01 -17.76
CA GLY B 109 4.11 -26.36 -17.20
C GLY B 109 3.96 -24.90 -17.62
N SER B 110 2.73 -24.50 -17.90
CA SER B 110 2.39 -23.12 -18.19
C SER B 110 1.16 -22.67 -17.42
N PHE B 111 1.21 -21.47 -16.82
CA PHE B 111 0.01 -20.89 -16.21
C PHE B 111 -0.23 -19.47 -16.70
N GLN B 112 -1.47 -19.18 -17.08
CA GLN B 112 -1.88 -17.83 -17.47
C GLN B 112 -2.83 -17.21 -16.45
N ALA B 113 -2.46 -16.06 -15.89
CA ALA B 113 -3.34 -15.36 -15.00
C ALA B 113 -3.74 -13.99 -15.55
N ARG B 114 -5.05 -13.80 -15.71
CA ARG B 114 -5.57 -12.54 -16.18
C ARG B 114 -6.19 -11.81 -15.00
N LEU B 115 -6.04 -10.50 -14.96
CA LEU B 115 -6.68 -9.71 -13.94
C LEU B 115 -7.02 -8.28 -14.39
N ARG B 116 -7.93 -7.65 -13.69
CA ARG B 116 -8.39 -6.31 -14.02
C ARG B 116 -7.89 -5.26 -13.05
N LEU B 117 -7.49 -4.11 -13.57
CA LEU B 117 -7.06 -3.05 -12.69
C LEU B 117 -8.05 -1.93 -12.70
N ARG B 118 -8.50 -1.56 -11.51
CA ARG B 118 -9.48 -0.52 -11.35
C ARG B 118 -8.80 0.63 -10.65
N VAL B 119 -8.87 1.80 -11.27
CA VAL B 119 -8.22 2.96 -10.72
C VAL B 119 -9.26 4.00 -10.30
N LEU B 120 -9.33 4.21 -9.00
CA LEU B 120 -10.35 5.03 -8.42
C LEU B 120 -9.96 6.48 -8.26
N VAL B 121 -10.86 7.34 -8.71
CA VAL B 121 -10.67 8.75 -8.59
C VAL B 121 -11.47 9.22 -7.41
N PRO B 122 -10.84 10.02 -6.53
CA PRO B 122 -11.58 10.53 -5.39
C PRO B 122 -12.57 11.55 -5.86
N PRO B 123 -13.72 11.62 -5.21
CA PRO B 123 -14.70 12.65 -5.47
C PRO B 123 -14.18 13.98 -4.94
N LEU B 124 -14.74 15.07 -5.42
CA LEU B 124 -14.40 16.40 -4.92
C LEU B 124 -14.60 16.42 -3.41
N PRO B 125 -13.81 17.25 -2.71
CA PRO B 125 -13.93 17.30 -1.25
C PRO B 125 -15.28 17.83 -0.81
N SER B 126 -15.77 17.29 0.31
CA SER B 126 -16.75 18.01 1.11
C SER B 126 -15.98 18.99 1.98
N LEU B 127 -14.97 18.45 2.66
CA LEU B 127 -14.15 19.21 3.60
C LEU B 127 -12.69 18.91 3.38
#